data_6C3G
# 
_entry.id   6C3G 
# 
_audit_conform.dict_name       mmcif_pdbx.dic 
_audit_conform.dict_version    5.387 
_audit_conform.dict_location   http://mmcif.pdb.org/dictionaries/ascii/mmcif_pdbx.dic 
# 
loop_
_database_2.database_id 
_database_2.database_code 
_database_2.pdbx_database_accession 
_database_2.pdbx_DOI 
PDB   6C3G         pdb_00006c3g 10.2210/pdb6c3g/pdb 
WWPDB D_1000232002 ?            ?                   
# 
loop_
_pdbx_audit_revision_history.ordinal 
_pdbx_audit_revision_history.data_content_type 
_pdbx_audit_revision_history.major_revision 
_pdbx_audit_revision_history.minor_revision 
_pdbx_audit_revision_history.revision_date 
1 'Structure model' 1 0 2018-04-18 
2 'Structure model' 1 1 2018-07-18 
3 'Structure model' 1 2 2018-08-01 
4 'Structure model' 1 3 2024-03-13 
# 
_pdbx_audit_revision_details.ordinal             1 
_pdbx_audit_revision_details.revision_ordinal    1 
_pdbx_audit_revision_details.data_content_type   'Structure model' 
_pdbx_audit_revision_details.provider            repository 
_pdbx_audit_revision_details.type                'Initial release' 
_pdbx_audit_revision_details.description         ? 
_pdbx_audit_revision_details.details             ? 
# 
loop_
_pdbx_audit_revision_group.ordinal 
_pdbx_audit_revision_group.revision_ordinal 
_pdbx_audit_revision_group.data_content_type 
_pdbx_audit_revision_group.group 
1 2 'Structure model' 'Data collection'     
2 2 'Structure model' 'Database references' 
3 3 'Structure model' 'Data collection'     
4 3 'Structure model' 'Database references' 
5 4 'Structure model' 'Data collection'     
6 4 'Structure model' 'Database references' 
# 
loop_
_pdbx_audit_revision_category.ordinal 
_pdbx_audit_revision_category.revision_ordinal 
_pdbx_audit_revision_category.data_content_type 
_pdbx_audit_revision_category.category 
1 2 'Structure model' citation                  
2 3 'Structure model' citation                  
3 3 'Structure model' citation_author           
4 3 'Structure model' pdbx_related_exp_data_set 
5 4 'Structure model' chem_comp_atom            
6 4 'Structure model' chem_comp_bond            
7 4 'Structure model' database_2                
# 
loop_
_pdbx_audit_revision_item.ordinal 
_pdbx_audit_revision_item.revision_ordinal 
_pdbx_audit_revision_item.data_content_type 
_pdbx_audit_revision_item.item 
1 2 'Structure model' '_citation.journal_volume'            
2 2 'Structure model' '_citation.page_first'                
3 2 'Structure model' '_citation.page_last'                 
4 2 'Structure model' '_citation.title'                     
5 4 'Structure model' '_database_2.pdbx_DOI'                
6 4 'Structure model' '_database_2.pdbx_database_accession' 
# 
_pdbx_database_status.status_code                     REL 
_pdbx_database_status.status_code_sf                  REL 
_pdbx_database_status.status_code_mr                  ? 
_pdbx_database_status.entry_id                        6C3G 
_pdbx_database_status.recvd_initial_deposition_date   2018-01-09 
_pdbx_database_status.SG_entry                        N 
_pdbx_database_status.deposit_site                    RCSB 
_pdbx_database_status.process_site                    RCSB 
_pdbx_database_status.status_code_cs                  ? 
_pdbx_database_status.methods_development_category    ? 
_pdbx_database_status.pdb_format_compatible           Y 
_pdbx_database_status.status_code_nmr_data            ? 
# 
_pdbx_database_related.db_name        PDB 
_pdbx_database_related.details        . 
_pdbx_database_related.db_id          6C3F 
_pdbx_database_related.content_type   unspecified 
# 
loop_
_audit_author.name 
_audit_author.pdbx_ordinal 
_audit_author.identifier_ORCID 
'Saelices, L.'    1 0000-0002-1904-2150 
'Sawaya, M.R.'    2 0000-0003-0874-9043 
'Eisenberg, D.S.' 3 0000-0003-2432-5419 
# 
loop_
_citation.abstract 
_citation.abstract_id_CAS 
_citation.book_id_ISBN 
_citation.book_publisher 
_citation.book_publisher_city 
_citation.book_title 
_citation.coordinate_linkage 
_citation.country 
_citation.database_id_Medline 
_citation.details 
_citation.id 
_citation.journal_abbrev 
_citation.journal_id_ASTM 
_citation.journal_id_CSD 
_citation.journal_id_ISSN 
_citation.journal_full 
_citation.journal_issue 
_citation.journal_volume 
_citation.language 
_citation.page_first 
_citation.page_last 
_citation.title 
_citation.year 
_citation.database_id_CSD 
_citation.pdbx_database_id_DOI 
_citation.pdbx_database_id_PubMed 
_citation.unpublished_flag 
? ? ? ? ? ? ? US ? ? primary 'Protein Sci.'   PRCIEI 0795 1469-896X ? ? 27  ? 1295  1303  
'Crystal structures of amyloidogenic segments of human transthyretin.' 2018 ? 10.1002/pro.3420        29626847 ? 
? ? ? ? ? ? ? US ? ? 1       'J. Biol. Chem.' JBCHA3 0071 1083-351X ? ? 290 ? 28932 28943 
'Uncovering the Mechanism of Aggregation of Human Transthyretin.'      2015 ? 10.1074/jbc.M115.659912 26459562 ? 
# 
loop_
_citation_author.citation_id 
_citation_author.name 
_citation_author.ordinal 
_citation_author.identifier_ORCID 
primary 'Saelices, L.'    1  ? 
primary 'Sievers, S.A.'   2  ? 
primary 'Sawaya, M.R.'    3  ? 
primary 'Eisenberg, D.S.' 4  ? 
1       'Saelices, L.'    5  ? 
1       'Johnson, L.M.'   6  ? 
1       'Liang, W.Y.'     7  ? 
1       'Sawaya, M.R.'    8  ? 
1       'Cascio, D.'      9  ? 
1       'Ruchala, P.'     10 ? 
1       'Whitelegge, J.'  11 ? 
1       'Jiang, L.'       12 ? 
1       'Riek, R.'        13 ? 
1       'Eisenberg, D.S.' 14 ? 
# 
loop_
_entity.id 
_entity.type 
_entity.src_method 
_entity.pdbx_description 
_entity.formula_weight 
_entity.pdbx_number_of_molecules 
_entity.pdbx_ec 
_entity.pdbx_mutation 
_entity.pdbx_fragment 
_entity.details 
1 polymer     syn LYS-ALA-LEU-GLY-ILE-SER 588.718 2 ? ? ? ? 
2 non-polymer syn 'SULFATE ION'           96.063  1 ? ? ? ? 
3 non-polymer syn GLYCEROL                92.094  1 ? ? ? ? 
4 water       nat water                   18.015  2 ? ? ? ? 
# 
_entity_poly.entity_id                      1 
_entity_poly.type                           'polypeptide(L)' 
_entity_poly.nstd_linkage                   no 
_entity_poly.nstd_monomer                   no 
_entity_poly.pdbx_seq_one_letter_code       KALGIS 
_entity_poly.pdbx_seq_one_letter_code_can   KALGIS 
_entity_poly.pdbx_strand_id                 A,B 
_entity_poly.pdbx_target_identifier         ? 
# 
loop_
_pdbx_entity_nonpoly.entity_id 
_pdbx_entity_nonpoly.name 
_pdbx_entity_nonpoly.comp_id 
2 'SULFATE ION' SO4 
3 GLYCEROL      GOL 
4 water         HOH 
# 
loop_
_entity_poly_seq.entity_id 
_entity_poly_seq.num 
_entity_poly_seq.mon_id 
_entity_poly_seq.hetero 
1 1 LYS n 
1 2 ALA n 
1 3 LEU n 
1 4 GLY n 
1 5 ILE n 
1 6 SER n 
# 
_pdbx_entity_src_syn.entity_id              1 
_pdbx_entity_src_syn.pdbx_src_id            1 
_pdbx_entity_src_syn.pdbx_alt_source_flag   sample 
_pdbx_entity_src_syn.pdbx_beg_seq_num       1 
_pdbx_entity_src_syn.pdbx_end_seq_num       6 
_pdbx_entity_src_syn.organism_scientific    'Homo sapiens' 
_pdbx_entity_src_syn.organism_common_name   ? 
_pdbx_entity_src_syn.ncbi_taxonomy_id       9606 
_pdbx_entity_src_syn.details                ? 
# 
loop_
_chem_comp.id 
_chem_comp.type 
_chem_comp.mon_nstd_flag 
_chem_comp.name 
_chem_comp.pdbx_synonyms 
_chem_comp.formula 
_chem_comp.formula_weight 
ALA 'L-peptide linking' y ALANINE       ?                               'C3 H7 N O2'     89.093  
GLY 'peptide linking'   y GLYCINE       ?                               'C2 H5 N O2'     75.067  
GOL non-polymer         . GLYCEROL      'GLYCERIN; PROPANE-1,2,3-TRIOL' 'C3 H8 O3'       92.094  
HOH non-polymer         . WATER         ?                               'H2 O'           18.015  
ILE 'L-peptide linking' y ISOLEUCINE    ?                               'C6 H13 N O2'    131.173 
LEU 'L-peptide linking' y LEUCINE       ?                               'C6 H13 N O2'    131.173 
LYS 'L-peptide linking' y LYSINE        ?                               'C6 H15 N2 O2 1' 147.195 
SER 'L-peptide linking' y SERINE        ?                               'C3 H7 N O3'     105.093 
SO4 non-polymer         . 'SULFATE ION' ?                               'O4 S -2'        96.063  
# 
loop_
_pdbx_poly_seq_scheme.asym_id 
_pdbx_poly_seq_scheme.entity_id 
_pdbx_poly_seq_scheme.seq_id 
_pdbx_poly_seq_scheme.mon_id 
_pdbx_poly_seq_scheme.ndb_seq_num 
_pdbx_poly_seq_scheme.pdb_seq_num 
_pdbx_poly_seq_scheme.auth_seq_num 
_pdbx_poly_seq_scheme.pdb_mon_id 
_pdbx_poly_seq_scheme.auth_mon_id 
_pdbx_poly_seq_scheme.pdb_strand_id 
_pdbx_poly_seq_scheme.pdb_ins_code 
_pdbx_poly_seq_scheme.hetero 
A 1 1 LYS 1 1 1 LYS LYS A . n 
A 1 2 ALA 2 2 2 ALA ALA A . n 
A 1 3 LEU 3 3 3 LEU LEU A . n 
A 1 4 GLY 4 4 4 GLY GLY A . n 
A 1 5 ILE 5 5 5 ILE ILE A . n 
A 1 6 SER 6 6 6 SER SER A . n 
B 1 1 LYS 1 1 1 LYS LYS B . n 
B 1 2 ALA 2 2 2 ALA ALA B . n 
B 1 3 LEU 3 3 3 LEU LEU B . n 
B 1 4 GLY 4 4 4 GLY GLY B . n 
B 1 5 ILE 5 5 5 ILE ILE B . n 
B 1 6 SER 6 6 6 SER SER B . n 
# 
loop_
_pdbx_nonpoly_scheme.asym_id 
_pdbx_nonpoly_scheme.entity_id 
_pdbx_nonpoly_scheme.mon_id 
_pdbx_nonpoly_scheme.ndb_seq_num 
_pdbx_nonpoly_scheme.pdb_seq_num 
_pdbx_nonpoly_scheme.auth_seq_num 
_pdbx_nonpoly_scheme.pdb_mon_id 
_pdbx_nonpoly_scheme.auth_mon_id 
_pdbx_nonpoly_scheme.pdb_strand_id 
_pdbx_nonpoly_scheme.pdb_ins_code 
C 2 SO4 1 101 1 SO4 SO4 A . 
D 3 GOL 1 101 1 GOL GOL B . 
E 4 HOH 1 201 2 HOH HOH A . 
E 4 HOH 2 202 1 HOH HOH A . 
# 
loop_
_software.citation_id 
_software.classification 
_software.compiler_name 
_software.compiler_version 
_software.contact_author 
_software.contact_author_email 
_software.date 
_software.description 
_software.dependencies 
_software.hardware 
_software.language 
_software.location 
_software.mods 
_software.name 
_software.os 
_software.os_version 
_software.type 
_software.version 
_software.pdbx_ordinal 
? 'data scaling'    ? ? ? ? ? ? ? ? ? ? ? XSCALE      ? ? ? .          1 
? refinement        ? ? ? ? ? ? ? ? ? ? ? PHENIX      ? ? ? 1.8.1_1168 2 
? 'data extraction' ? ? ? ? ? ? ? ? ? ? ? PDB_EXTRACT ? ? ? 3.24       3 
? 'data reduction'  ? ? ? ? ? ? ? ? ? ? ? XDS         ? ? ? .          4 
? phasing           ? ? ? ? ? ? ? ? ? ? ? PHASER      ? ? ? .          5 
# 
_cell.angle_alpha                  96.940 
_cell.angle_alpha_esd              ? 
_cell.angle_beta                   96.350 
_cell.angle_beta_esd               ? 
_cell.angle_gamma                  110.050 
_cell.angle_gamma_esd              ? 
_cell.entry_id                     6C3G 
_cell.details                      ? 
_cell.formula_units_Z              ? 
_cell.length_a                     8.060 
_cell.length_a_esd                 ? 
_cell.length_b                     9.480 
_cell.length_b_esd                 ? 
_cell.length_c                     25.660 
_cell.length_c_esd                 ? 
_cell.volume                       ? 
_cell.volume_esd                   ? 
_cell.Z_PDB                        2 
_cell.reciprocal_angle_alpha       ? 
_cell.reciprocal_angle_beta        ? 
_cell.reciprocal_angle_gamma       ? 
_cell.reciprocal_angle_alpha_esd   ? 
_cell.reciprocal_angle_beta_esd    ? 
_cell.reciprocal_angle_gamma_esd   ? 
_cell.reciprocal_length_a          ? 
_cell.reciprocal_length_b          ? 
_cell.reciprocal_length_c          ? 
_cell.reciprocal_length_a_esd      ? 
_cell.reciprocal_length_b_esd      ? 
_cell.reciprocal_length_c_esd      ? 
_cell.pdbx_unique_axis             ? 
# 
_symmetry.entry_id                         6C3G 
_symmetry.cell_setting                     ? 
_symmetry.Int_Tables_number                1 
_symmetry.space_group_name_Hall            ? 
_symmetry.space_group_name_H-M             'P 1' 
_symmetry.pdbx_full_space_group_name_H-M   ? 
# 
_exptl.absorpt_coefficient_mu     ? 
_exptl.absorpt_correction_T_max   ? 
_exptl.absorpt_correction_T_min   ? 
_exptl.absorpt_correction_type    ? 
_exptl.absorpt_process_details    ? 
_exptl.entry_id                   6C3G 
_exptl.crystals_number            1 
_exptl.details                    ? 
_exptl.method                     'X-RAY DIFFRACTION' 
_exptl.method_details             ? 
# 
_exptl_crystal.colour                      ? 
_exptl_crystal.density_diffrn              ? 
_exptl_crystal.density_Matthews            1.53 
_exptl_crystal.density_method              ? 
_exptl_crystal.density_percent_sol         19.71 
_exptl_crystal.description                 ? 
_exptl_crystal.F_000                       ? 
_exptl_crystal.id                          1 
_exptl_crystal.preparation                 ? 
_exptl_crystal.size_max                    ? 
_exptl_crystal.size_mid                    ? 
_exptl_crystal.size_min                    ? 
_exptl_crystal.size_rad                    ? 
_exptl_crystal.colour_lustre               ? 
_exptl_crystal.colour_modifier             ? 
_exptl_crystal.colour_primary              ? 
_exptl_crystal.density_meas                ? 
_exptl_crystal.density_meas_esd            ? 
_exptl_crystal.density_meas_gt             ? 
_exptl_crystal.density_meas_lt             ? 
_exptl_crystal.density_meas_temp           ? 
_exptl_crystal.density_meas_temp_esd       ? 
_exptl_crystal.density_meas_temp_gt        ? 
_exptl_crystal.density_meas_temp_lt        ? 
_exptl_crystal.pdbx_crystal_image_url      ? 
_exptl_crystal.pdbx_crystal_image_format   ? 
_exptl_crystal.pdbx_mosaicity              ? 
_exptl_crystal.pdbx_mosaicity_esd          ? 
# 
_exptl_crystal_grow.apparatus       ? 
_exptl_crystal_grow.atmosphere      ? 
_exptl_crystal_grow.crystal_id      1 
_exptl_crystal_grow.details         ? 
_exptl_crystal_grow.method          'VAPOR DIFFUSION, HANGING DROP' 
_exptl_crystal_grow.method_ref      ? 
_exptl_crystal_grow.pH              3.5 
_exptl_crystal_grow.pressure        ? 
_exptl_crystal_grow.pressure_esd    ? 
_exptl_crystal_grow.seeding         ? 
_exptl_crystal_grow.seeding_ref     ? 
_exptl_crystal_grow.temp            298 
_exptl_crystal_grow.temp_details    ? 
_exptl_crystal_grow.temp_esd        ? 
_exptl_crystal_grow.time            ? 
_exptl_crystal_grow.pdbx_details    '0.1 M Citric acid pH 3.5, 2.0 M Ammonium sulfate, 25% Glycerol' 
_exptl_crystal_grow.pdbx_pH_range   ? 
# 
_diffrn.ambient_environment    ? 
_diffrn.ambient_temp           100 
_diffrn.ambient_temp_details   ? 
_diffrn.ambient_temp_esd       ? 
_diffrn.crystal_id             1 
_diffrn.crystal_support        ? 
_diffrn.crystal_treatment      ? 
_diffrn.details                ? 
_diffrn.id                     1 
_diffrn.ambient_pressure       ? 
_diffrn.ambient_pressure_esd   ? 
_diffrn.ambient_pressure_gt    ? 
_diffrn.ambient_pressure_lt    ? 
_diffrn.ambient_temp_gt        ? 
_diffrn.ambient_temp_lt        ? 
# 
_diffrn_detector.details                      ? 
_diffrn_detector.detector                     CCD 
_diffrn_detector.diffrn_id                    1 
_diffrn_detector.type                         'ADSC QUANTUM 315' 
_diffrn_detector.area_resol_mean              ? 
_diffrn_detector.dtime                        ? 
_diffrn_detector.pdbx_frames_total            ? 
_diffrn_detector.pdbx_collection_time_total   ? 
_diffrn_detector.pdbx_collection_date         2013-03-01 
# 
_diffrn_radiation.collimation                      ? 
_diffrn_radiation.diffrn_id                        1 
_diffrn_radiation.filter_edge                      ? 
_diffrn_radiation.inhomogeneity                    ? 
_diffrn_radiation.monochromator                    ? 
_diffrn_radiation.polarisn_norm                    ? 
_diffrn_radiation.polarisn_ratio                   ? 
_diffrn_radiation.probe                            ? 
_diffrn_radiation.type                             ? 
_diffrn_radiation.xray_symbol                      ? 
_diffrn_radiation.wavelength_id                    1 
_diffrn_radiation.pdbx_monochromatic_or_laue_m_l   M 
_diffrn_radiation.pdbx_wavelength_list             ? 
_diffrn_radiation.pdbx_wavelength                  ? 
_diffrn_radiation.pdbx_diffrn_protocol             'SINGLE WAVELENGTH' 
_diffrn_radiation.pdbx_analyzer                    ? 
_diffrn_radiation.pdbx_scattering_type             x-ray 
# 
_diffrn_radiation_wavelength.id           1 
_diffrn_radiation_wavelength.wavelength   0.9792 
_diffrn_radiation_wavelength.wt           1.0 
# 
_diffrn_source.current                     ? 
_diffrn_source.details                     ? 
_diffrn_source.diffrn_id                   1 
_diffrn_source.power                       ? 
_diffrn_source.size                        ? 
_diffrn_source.source                      SYNCHROTRON 
_diffrn_source.target                      ? 
_diffrn_source.type                        'APS BEAMLINE 24-ID-E' 
_diffrn_source.voltage                     ? 
_diffrn_source.take-off_angle              ? 
_diffrn_source.pdbx_wavelength_list        0.9792 
_diffrn_source.pdbx_wavelength             ? 
_diffrn_source.pdbx_synchrotron_beamline   24-ID-E 
_diffrn_source.pdbx_synchrotron_site       APS 
# 
_reflns.B_iso_Wilson_estimate            9.920 
_reflns.entry_id                         6C3G 
_reflns.data_reduction_details           ? 
_reflns.data_reduction_method            ? 
_reflns.d_resolution_high                1.600 
_reflns.d_resolution_low                 12.566 
_reflns.details                          ? 
_reflns.limit_h_max                      ? 
_reflns.limit_h_min                      ? 
_reflns.limit_k_max                      ? 
_reflns.limit_k_min                      ? 
_reflns.limit_l_max                      ? 
_reflns.limit_l_min                      ? 
_reflns.number_all                       ? 
_reflns.number_obs                       871 
_reflns.observed_criterion               ? 
_reflns.observed_criterion_F_max         ? 
_reflns.observed_criterion_F_min         ? 
_reflns.observed_criterion_I_max         ? 
_reflns.observed_criterion_I_min         ? 
_reflns.observed_criterion_sigma_F       ? 
_reflns.observed_criterion_sigma_I       ? 
_reflns.percent_possible_obs             95.600 
_reflns.R_free_details                   ? 
_reflns.Rmerge_F_all                     ? 
_reflns.Rmerge_F_obs                     ? 
_reflns.Friedel_coverage                 ? 
_reflns.number_gt                        ? 
_reflns.threshold_expression             ? 
_reflns.pdbx_redundancy                  2.912 
_reflns.pdbx_Rmerge_I_obs                0.138 
_reflns.pdbx_Rmerge_I_all                ? 
_reflns.pdbx_Rsym_value                  ? 
_reflns.pdbx_netI_over_av_sigmaI         ? 
_reflns.pdbx_netI_over_sigmaI            5.720 
_reflns.pdbx_res_netI_over_av_sigmaI_2   ? 
_reflns.pdbx_res_netI_over_sigmaI_2      ? 
_reflns.pdbx_chi_squared                 1.154 
_reflns.pdbx_scaling_rejects             ? 
_reflns.pdbx_d_res_high_opt              ? 
_reflns.pdbx_d_res_low_opt               ? 
_reflns.pdbx_d_res_opt_method            ? 
_reflns.phase_calculation_details        ? 
_reflns.pdbx_Rrim_I_all                  0.169 
_reflns.pdbx_Rpim_I_all                  ? 
_reflns.pdbx_d_opt                       ? 
_reflns.pdbx_number_measured_all         2536 
_reflns.pdbx_diffrn_id                   1 
_reflns.pdbx_ordinal                     1 
_reflns.pdbx_CC_half                     0.988 
_reflns.pdbx_R_split                     ? 
# 
loop_
_reflns_shell.d_res_high 
_reflns_shell.d_res_low 
_reflns_shell.meanI_over_sigI_all 
_reflns_shell.meanI_over_sigI_obs 
_reflns_shell.number_measured_all 
_reflns_shell.number_measured_obs 
_reflns_shell.number_possible 
_reflns_shell.number_unique_all 
_reflns_shell.number_unique_obs 
_reflns_shell.percent_possible_all 
_reflns_shell.percent_possible_obs 
_reflns_shell.Rmerge_F_all 
_reflns_shell.Rmerge_F_obs 
_reflns_shell.Rmerge_I_all 
_reflns_shell.Rmerge_I_obs 
_reflns_shell.meanI_over_sigI_gt 
_reflns_shell.meanI_over_uI_all 
_reflns_shell.meanI_over_uI_gt 
_reflns_shell.number_measured_gt 
_reflns_shell.number_unique_gt 
_reflns_shell.percent_possible_gt 
_reflns_shell.Rmerge_F_gt 
_reflns_shell.Rmerge_I_gt 
_reflns_shell.pdbx_redundancy 
_reflns_shell.pdbx_Rsym_value 
_reflns_shell.pdbx_chi_squared 
_reflns_shell.pdbx_netI_over_sigmaI_all 
_reflns_shell.pdbx_netI_over_sigmaI_obs 
_reflns_shell.pdbx_Rrim_I_all 
_reflns_shell.pdbx_Rpim_I_all 
_reflns_shell.pdbx_rejects 
_reflns_shell.pdbx_ordinal 
_reflns_shell.pdbx_diffrn_id 
_reflns_shell.pdbx_CC_half 
_reflns_shell.pdbx_R_split 
1.600 1.700  ? 1.410  ? ? ? ? 129 93.500  ? ? ? ? 0.675 ? ? ? ? ? ? ? ? 2.930 ? ? ? ? 0.830 ? ? 1 1 0.765 ? 
1.700 1.810  ? 2.020  ? ? ? ? 128 95.500  ? ? ? ? 0.548 ? ? ? ? ? ? ? ? 3.023 ? ? ? ? 0.671 ? ? 2 1 0.632 ? 
1.810 1.960  ? 4.080  ? ? ? ? 140 94.600  ? ? ? ? 0.230 ? ? ? ? ? ? ? ? 3.064 ? ? ? ? 0.281 ? ? 3 1 0.954 ? 
1.960 2.150  ? 4.850  ? ? ? ? 103 98.100  ? ? ? ? 0.211 ? ? ? ? ? ? ? ? 2.825 ? ? ? ? 0.257 ? ? 4 1 0.929 ? 
2.150 2.400  ? 6.910  ? ? ? ? 114 96.600  ? ? ? ? 0.174 ? ? ? ? ? ? ? ? 3.026 ? ? ? ? 0.214 ? ? 5 1 0.945 ? 
2.400 2.770  ? 8.080  ? ? ? ? 90  100.000 ? ? ? ? 0.128 ? ? ? ? ? ? ? ? 2.944 ? ? ? ? 0.156 ? ? 6 1 0.920 ? 
2.770 3.400  ? 9.350  ? ? ? ? 76  95.000  ? ? ? ? 0.088 ? ? ? ? ? ? ? ? 2.632 ? ? ? ? 0.106 ? ? 7 1 0.991 ? 
3.400 4.800  ? 13.560 ? ? ? ? 64  95.500  ? ? ? ? 0.061 ? ? ? ? ? ? ? ? 2.609 ? ? ? ? 0.076 ? ? 8 1 0.986 ? 
4.800 12.566 ? 14.010 ? ? ? ? 27  87.100  ? ? ? ? 0.039 ? ? ? ? ? ? ? ? 2.741 ? ? ? ? 0.047 ? ? 9 1 1.000 ? 
# 
_refine.aniso_B[1][1]                            ? 
_refine.aniso_B[1][2]                            ? 
_refine.aniso_B[1][3]                            ? 
_refine.aniso_B[2][2]                            ? 
_refine.aniso_B[2][3]                            ? 
_refine.aniso_B[3][3]                            ? 
_refine.B_iso_max                                32.440 
_refine.B_iso_mean                               14.4500 
_refine.B_iso_min                                5.840 
_refine.correlation_coeff_Fo_to_Fc               ? 
_refine.correlation_coeff_Fo_to_Fc_free          ? 
_refine.details                                  ? 
_refine.diff_density_max                         ? 
_refine.diff_density_max_esd                     ? 
_refine.diff_density_min                         ? 
_refine.diff_density_min_esd                     ? 
_refine.diff_density_rms                         ? 
_refine.diff_density_rms_esd                     ? 
_refine.entry_id                                 6C3G 
_refine.pdbx_refine_id                           'X-RAY DIFFRACTION' 
_refine.ls_abs_structure_details                 ? 
_refine.ls_abs_structure_Flack                   ? 
_refine.ls_abs_structure_Flack_esd               ? 
_refine.ls_abs_structure_Rogers                  ? 
_refine.ls_abs_structure_Rogers_esd              ? 
_refine.ls_d_res_high                            1.6010 
_refine.ls_d_res_low                             12.5660 
_refine.ls_extinction_coef                       ? 
_refine.ls_extinction_coef_esd                   ? 
_refine.ls_extinction_expression                 ? 
_refine.ls_extinction_method                     ? 
_refine.ls_goodness_of_fit_all                   ? 
_refine.ls_goodness_of_fit_all_esd               ? 
_refine.ls_goodness_of_fit_obs                   ? 
_refine.ls_goodness_of_fit_obs_esd               ? 
_refine.ls_hydrogen_treatment                    ? 
_refine.ls_matrix_type                           ? 
_refine.ls_number_constraints                    ? 
_refine.ls_number_parameters                     ? 
_refine.ls_number_reflns_all                     ? 
_refine.ls_number_reflns_obs                     870 
_refine.ls_number_reflns_R_free                  87 
_refine.ls_number_reflns_R_work                  ? 
_refine.ls_number_restraints                     ? 
_refine.ls_percent_reflns_obs                    95.7100 
_refine.ls_percent_reflns_R_free                 10.0000 
_refine.ls_R_factor_all                          ? 
_refine.ls_R_factor_obs                          0.1848 
_refine.ls_R_factor_R_free                       0.2116 
_refine.ls_R_factor_R_free_error                 ? 
_refine.ls_R_factor_R_free_error_details         ? 
_refine.ls_R_factor_R_work                       0.1812 
_refine.ls_R_Fsqd_factor_obs                     ? 
_refine.ls_R_I_factor_obs                        ? 
_refine.ls_redundancy_reflns_all                 ? 
_refine.ls_redundancy_reflns_obs                 ? 
_refine.ls_restrained_S_all                      ? 
_refine.ls_restrained_S_obs                      ? 
_refine.ls_shift_over_esd_max                    ? 
_refine.ls_shift_over_esd_mean                   ? 
_refine.ls_structure_factor_coef                 ? 
_refine.ls_weighting_details                     ? 
_refine.ls_weighting_scheme                      ? 
_refine.ls_wR_factor_all                         ? 
_refine.ls_wR_factor_obs                         ? 
_refine.ls_wR_factor_R_free                      ? 
_refine.ls_wR_factor_R_work                      ? 
_refine.occupancy_max                            ? 
_refine.occupancy_min                            ? 
_refine.solvent_model_details                    ? 
_refine.solvent_model_param_bsol                 ? 
_refine.solvent_model_param_ksol                 ? 
_refine.ls_R_factor_gt                           ? 
_refine.ls_goodness_of_fit_gt                    ? 
_refine.ls_goodness_of_fit_ref                   ? 
_refine.ls_shift_over_su_max                     ? 
_refine.ls_shift_over_su_max_lt                  ? 
_refine.ls_shift_over_su_mean                    ? 
_refine.ls_shift_over_su_mean_lt                 ? 
_refine.pdbx_ls_sigma_I                          ? 
_refine.pdbx_ls_sigma_F                          2.000 
_refine.pdbx_ls_sigma_Fsqd                       ? 
_refine.pdbx_data_cutoff_high_absF               ? 
_refine.pdbx_data_cutoff_high_rms_absF           ? 
_refine.pdbx_data_cutoff_low_absF                ? 
_refine.pdbx_isotropic_thermal_model             ? 
_refine.pdbx_ls_cross_valid_method               THROUGHOUT 
_refine.pdbx_method_to_determine_struct          'MOLECULAR REPLACEMENT' 
_refine.pdbx_starting_model                      ? 
_refine.pdbx_stereochemistry_target_values       ? 
_refine.pdbx_R_Free_selection_details            ? 
_refine.pdbx_stereochem_target_val_spec_case     ? 
_refine.pdbx_overall_ESU_R                       ? 
_refine.pdbx_overall_ESU_R_Free                  ? 
_refine.pdbx_solvent_vdw_probe_radii             1.1100 
_refine.pdbx_solvent_ion_probe_radii             ? 
_refine.pdbx_solvent_shrinkage_radii             0.9000 
_refine.pdbx_real_space_R                        ? 
_refine.pdbx_density_correlation                 ? 
_refine.pdbx_pd_number_of_powder_patterns        ? 
_refine.pdbx_pd_number_of_points                 ? 
_refine.pdbx_pd_meas_number_of_points            ? 
_refine.pdbx_pd_proc_ls_prof_R_factor            ? 
_refine.pdbx_pd_proc_ls_prof_wR_factor           ? 
_refine.pdbx_pd_Marquardt_correlation_coeff      ? 
_refine.pdbx_pd_Fsqrd_R_factor                   ? 
_refine.pdbx_pd_ls_matrix_band_width             ? 
_refine.pdbx_overall_phase_error                 24.3500 
_refine.pdbx_overall_SU_R_free_Cruickshank_DPI   ? 
_refine.pdbx_overall_SU_R_free_Blow_DPI          ? 
_refine.pdbx_overall_SU_R_Blow_DPI               ? 
_refine.pdbx_TLS_residual_ADP_flag               ? 
_refine.pdbx_diffrn_id                           1 
_refine.overall_SU_B                             ? 
_refine.overall_SU_ML                            0.0000 
_refine.overall_SU_R_Cruickshank_DPI             ? 
_refine.overall_SU_R_free                        ? 
_refine.overall_FOM_free_R_set                   ? 
_refine.overall_FOM_work_R_set                   ? 
_refine.pdbx_average_fsc_overall                 ? 
_refine.pdbx_average_fsc_work                    ? 
_refine.pdbx_average_fsc_free                    ? 
# 
_refine_hist.cycle_id                         final 
_refine_hist.pdbx_refine_id                   'X-RAY DIFFRACTION' 
_refine_hist.d_res_high                       1.6010 
_refine_hist.d_res_low                        12.5660 
_refine_hist.pdbx_number_atoms_ligand         11 
_refine_hist.number_atoms_solvent             2 
_refine_hist.number_atoms_total               95 
_refine_hist.pdbx_number_residues_total       12 
_refine_hist.pdbx_B_iso_mean_ligand           27.18 
_refine_hist.pdbx_B_iso_mean_solvent          26.62 
_refine_hist.pdbx_number_atoms_protein        82 
_refine_hist.pdbx_number_atoms_nucleic_acid   0 
# 
loop_
_refine_ls_restr.pdbx_refine_id 
_refine_ls_restr.criterion 
_refine_ls_restr.dev_ideal 
_refine_ls_restr.dev_ideal_target 
_refine_ls_restr.number 
_refine_ls_restr.rejects 
_refine_ls_restr.type 
_refine_ls_restr.weight 
_refine_ls_restr.pdbx_restraint_function 
'X-RAY DIFFRACTION' ? 0.006  ? 89  ? f_bond_d           ? ? 
'X-RAY DIFFRACTION' ? 1.170  ? 115 ? f_angle_d          ? ? 
'X-RAY DIFFRACTION' ? 0.069  ? 14  ? f_chiral_restr     ? ? 
'X-RAY DIFFRACTION' ? 0.003  ? 12  ? f_plane_restr      ? ? 
'X-RAY DIFFRACTION' ? 12.957 ? 32  ? f_dihedral_angle_d ? ? 
# 
_refine_ls_shell.pdbx_refine_id                   'X-RAY DIFFRACTION' 
_refine_ls_shell.d_res_high                       1.6005 
_refine_ls_shell.d_res_low                        1.659 
_refine_ls_shell.number_reflns_all                ? 
_refine_ls_shell.number_reflns_obs                70 
_refine_ls_shell.number_reflns_R_free             ? 
_refine_ls_shell.number_reflns_R_work             ? 
_refine_ls_shell.percent_reflns_obs               92.11 
_refine_ls_shell.percent_reflns_R_free            8 
_refine_ls_shell.R_factor_all                     ? 
_refine_ls_shell.R_factor_obs                     ? 
_refine_ls_shell.R_factor_R_free                  0.2452 
_refine_ls_shell.R_factor_R_free_error            0.0000 
_refine_ls_shell.R_factor_R_work                  0.2499 
_refine_ls_shell.redundancy_reflns_all            ? 
_refine_ls_shell.redundancy_reflns_obs            ? 
_refine_ls_shell.wR_factor_all                    ? 
_refine_ls_shell.wR_factor_obs                    ? 
_refine_ls_shell.wR_factor_R_free                 ? 
_refine_ls_shell.wR_factor_R_work                 ? 
_refine_ls_shell.pdbx_total_number_of_bins_used   1 
_refine_ls_shell.pdbx_phase_error                 ? 
_refine_ls_shell.pdbx_fsc_work                    ? 
_refine_ls_shell.pdbx_fsc_free                    ? 
# 
_struct.entry_id                     6C3G 
_struct.title                        'AMYLOID FORMING PEPTIDE KALGIS FROM TRANSTHYRETIN' 
_struct.pdbx_model_details           ? 
_struct.pdbx_formula_weight          ? 
_struct.pdbx_formula_weight_method   ? 
_struct.pdbx_model_type_details      ? 
_struct.pdbx_CASP_flag               N 
# 
_struct_keywords.entry_id        6C3G 
_struct_keywords.text            'amyloid, transthyretin, fibril, PROTEIN FIBRIL' 
_struct_keywords.pdbx_keywords   'PROTEIN FIBRIL' 
# 
loop_
_struct_asym.id 
_struct_asym.pdbx_blank_PDB_chainid_flag 
_struct_asym.pdbx_modified 
_struct_asym.entity_id 
_struct_asym.details 
A N N 1 ? 
B N N 1 ? 
C N N 2 ? 
D N N 3 ? 
E N N 4 ? 
# 
_struct_ref.id                         1 
_struct_ref.db_name                    PDB 
_struct_ref.db_code                    6C3G 
_struct_ref.pdbx_db_accession          6C3G 
_struct_ref.pdbx_db_isoform            ? 
_struct_ref.entity_id                  1 
_struct_ref.pdbx_seq_one_letter_code   ? 
_struct_ref.pdbx_align_begin           1 
# 
loop_
_struct_ref_seq.align_id 
_struct_ref_seq.ref_id 
_struct_ref_seq.pdbx_PDB_id_code 
_struct_ref_seq.pdbx_strand_id 
_struct_ref_seq.seq_align_beg 
_struct_ref_seq.pdbx_seq_align_beg_ins_code 
_struct_ref_seq.seq_align_end 
_struct_ref_seq.pdbx_seq_align_end_ins_code 
_struct_ref_seq.pdbx_db_accession 
_struct_ref_seq.db_align_beg 
_struct_ref_seq.pdbx_db_align_beg_ins_code 
_struct_ref_seq.db_align_end 
_struct_ref_seq.pdbx_db_align_end_ins_code 
_struct_ref_seq.pdbx_auth_seq_align_beg 
_struct_ref_seq.pdbx_auth_seq_align_end 
1 1 6C3G A 1 ? 6 ? 6C3G 1 ? 6 ? 1 6 
2 1 6C3G B 1 ? 6 ? 6C3G 1 ? 6 ? 1 6 
# 
_pdbx_struct_assembly.id                   1 
_pdbx_struct_assembly.details              author_defined_assembly 
_pdbx_struct_assembly.method_details       ? 
_pdbx_struct_assembly.oligomeric_details   eicosameric 
_pdbx_struct_assembly.oligomeric_count     20 
# 
_pdbx_struct_assembly_gen.assembly_id       1 
_pdbx_struct_assembly_gen.oper_expression   1,2,3,4,5,6,7,8,9,10 
_pdbx_struct_assembly_gen.asym_id_list      A,B,C,D,E 
# 
_pdbx_struct_assembly_auth_evidence.id                     1 
_pdbx_struct_assembly_auth_evidence.assembly_id            1 
_pdbx_struct_assembly_auth_evidence.experimental_support   'scanning transmission electron microscopy' 
_pdbx_struct_assembly_auth_evidence.details                ? 
# 
loop_
_pdbx_struct_oper_list.id 
_pdbx_struct_oper_list.type 
_pdbx_struct_oper_list.name 
_pdbx_struct_oper_list.symmetry_operation 
_pdbx_struct_oper_list.matrix[1][1] 
_pdbx_struct_oper_list.matrix[1][2] 
_pdbx_struct_oper_list.matrix[1][3] 
_pdbx_struct_oper_list.vector[1] 
_pdbx_struct_oper_list.matrix[2][1] 
_pdbx_struct_oper_list.matrix[2][2] 
_pdbx_struct_oper_list.matrix[2][3] 
_pdbx_struct_oper_list.vector[2] 
_pdbx_struct_oper_list.matrix[3][1] 
_pdbx_struct_oper_list.matrix[3][2] 
_pdbx_struct_oper_list.matrix[3][3] 
_pdbx_struct_oper_list.vector[3] 
1  'identity operation'         1_555 x,y,z     1.0000000000 0.0000000000 0.0000000000 0.0000000000  0.0000000000 1.0000000000 0.0000000000 0.0000000000  0.0000000000 0.0000000000 1.0000000000 0.0000000000   
2  'crystal symmetry operation' 1_545 x,y-1,z   1.0000000000 0.0000000000 0.0000000000 2.9893434131  0.0000000000 1.0000000000 0.0000000000 -3.3607648160 0.0000000000 0.0000000000 1.0000000000 8.3450276099   
3  'crystal symmetry operation' 1_565 x,y+1,z   1.0000000000 0.0000000000 0.0000000000 -2.9893434131 0.0000000000 1.0000000000 0.0000000000 3.3607648160  0.0000000000 0.0000000000 1.0000000000 -8.3450276099  
4  'crystal symmetry operation' 1_535 x,y-2,z   1.0000000000 0.0000000000 0.0000000000 5.9786868262  0.0000000000 1.0000000000 0.0000000000 -6.7215296321 0.0000000000 0.0000000000 1.0000000000 16.6900552198  
5  'crystal symmetry operation' 1_575 x,y+2,z   1.0000000000 0.0000000000 0.0000000000 -5.9786868262 0.0000000000 1.0000000000 0.0000000000 6.7215296321  0.0000000000 0.0000000000 1.0000000000 -16.6900552198 
6  'crystal symmetry operation' 1_655 x+1,y,z   1.0000000000 0.0000000000 0.0000000000 -2.7980553758 0.0000000000 1.0000000000 0.0000000000 4.6033341283  0.0000000000 0.0000000000 1.0000000000 5.9953149222   
7  'crystal symmetry operation' 1_665 x+1,y+1,z 1.0000000000 0.0000000000 0.0000000000 -5.7873987889 0.0000000000 1.0000000000 0.0000000000 7.9640989443  0.0000000000 0.0000000000 1.0000000000 -2.3497126877  
8  'crystal symmetry operation' 1_635 x+1,y-2,z 1.0000000000 0.0000000000 0.0000000000 3.1806314503  0.0000000000 1.0000000000 0.0000000000 -2.1181955038 0.0000000000 0.0000000000 1.0000000000 22.6853701420  
9  'crystal symmetry operation' 1_675 x+1,y+2,z 1.0000000000 0.0000000000 0.0000000000 -8.7767422020 0.0000000000 1.0000000000 0.0000000000 11.3248637604 0.0000000000 0.0000000000 1.0000000000 -10.6947402975 
10 'crystal symmetry operation' 1_645 x+1,y-1,z 1.0000000000 0.0000000000 0.0000000000 0.1912880372  0.0000000000 1.0000000000 0.0000000000 1.2425693123  0.0000000000 0.0000000000 1.0000000000 14.3403425322 
# 
_struct_sheet.id               AA1 
_struct_sheet.type             ? 
_struct_sheet.number_strands   2 
_struct_sheet.details          ? 
# 
_struct_sheet_order.sheet_id     AA1 
_struct_sheet_order.range_id_1   1 
_struct_sheet_order.range_id_2   2 
_struct_sheet_order.offset       ? 
_struct_sheet_order.sense        anti-parallel 
# 
loop_
_struct_sheet_range.sheet_id 
_struct_sheet_range.id 
_struct_sheet_range.beg_label_comp_id 
_struct_sheet_range.beg_label_asym_id 
_struct_sheet_range.beg_label_seq_id 
_struct_sheet_range.pdbx_beg_PDB_ins_code 
_struct_sheet_range.end_label_comp_id 
_struct_sheet_range.end_label_asym_id 
_struct_sheet_range.end_label_seq_id 
_struct_sheet_range.pdbx_end_PDB_ins_code 
_struct_sheet_range.beg_auth_comp_id 
_struct_sheet_range.beg_auth_asym_id 
_struct_sheet_range.beg_auth_seq_id 
_struct_sheet_range.end_auth_comp_id 
_struct_sheet_range.end_auth_asym_id 
_struct_sheet_range.end_auth_seq_id 
AA1 1 LEU A 3 ? ILE A 5 ? LEU A 3 ILE A 5 
AA1 2 LEU B 3 ? ILE B 5 ? LEU B 3 ILE B 5 
# 
_pdbx_struct_sheet_hbond.sheet_id                AA1 
_pdbx_struct_sheet_hbond.range_id_1              1 
_pdbx_struct_sheet_hbond.range_id_2              2 
_pdbx_struct_sheet_hbond.range_1_label_atom_id   N 
_pdbx_struct_sheet_hbond.range_1_label_comp_id   GLY 
_pdbx_struct_sheet_hbond.range_1_label_asym_id   A 
_pdbx_struct_sheet_hbond.range_1_label_seq_id    4 
_pdbx_struct_sheet_hbond.range_1_PDB_ins_code    ? 
_pdbx_struct_sheet_hbond.range_1_auth_atom_id    N 
_pdbx_struct_sheet_hbond.range_1_auth_comp_id    GLY 
_pdbx_struct_sheet_hbond.range_1_auth_asym_id    A 
_pdbx_struct_sheet_hbond.range_1_auth_seq_id     4 
_pdbx_struct_sheet_hbond.range_2_label_atom_id   O 
_pdbx_struct_sheet_hbond.range_2_label_comp_id   GLY 
_pdbx_struct_sheet_hbond.range_2_label_asym_id   B 
_pdbx_struct_sheet_hbond.range_2_label_seq_id    4 
_pdbx_struct_sheet_hbond.range_2_PDB_ins_code    ? 
_pdbx_struct_sheet_hbond.range_2_auth_atom_id    O 
_pdbx_struct_sheet_hbond.range_2_auth_comp_id    GLY 
_pdbx_struct_sheet_hbond.range_2_auth_asym_id    B 
_pdbx_struct_sheet_hbond.range_2_auth_seq_id     4 
# 
loop_
_struct_site.id 
_struct_site.pdbx_evidence_code 
_struct_site.pdbx_auth_asym_id 
_struct_site.pdbx_auth_comp_id 
_struct_site.pdbx_auth_seq_id 
_struct_site.pdbx_auth_ins_code 
_struct_site.pdbx_num_residues 
_struct_site.details 
AC1 Software A SO4 101 ? 10 'binding site for residue SO4 A 101' 
AC2 Software B GOL 101 ? 10 'binding site for residue GOL B 101' 
# 
loop_
_struct_site_gen.id 
_struct_site_gen.site_id 
_struct_site_gen.pdbx_num_res 
_struct_site_gen.label_comp_id 
_struct_site_gen.label_asym_id 
_struct_site_gen.label_seq_id 
_struct_site_gen.pdbx_auth_ins_code 
_struct_site_gen.auth_comp_id 
_struct_site_gen.auth_asym_id 
_struct_site_gen.auth_seq_id 
_struct_site_gen.label_atom_id 
_struct_site_gen.label_alt_id 
_struct_site_gen.symmetry 
_struct_site_gen.details 
1  AC1 10 LYS A 1 ? LYS A 1   . ? 1_555 ? 
2  AC1 10 LYS A 1 ? LYS A 1   . ? 1_545 ? 
3  AC1 10 LYS A 1 ? LYS A 1   . ? 1_655 ? 
4  AC1 10 ALA A 2 ? ALA A 2   . ? 1_545 ? 
5  AC1 10 LYS B 1 ? LYS B 1   . ? 1_756 ? 
6  AC1 10 LYS B 1 ? LYS B 1   . ? 1_656 ? 
7  AC1 10 SER B 6 ? SER B 6   . ? 1_555 ? 
8  AC1 10 GOL D . ? GOL B 101 . ? 1_445 ? 
9  AC1 10 GOL D . ? GOL B 101 . ? 1_555 ? 
10 AC1 10 GOL D . ? GOL B 101 . ? 1_545 ? 
11 AC2 10 LYS A 1 ? LYS A 1   . ? 1_655 ? 
12 AC2 10 LYS A 1 ? LYS A 1   . ? 1_665 ? 
13 AC2 10 SER A 6 ? SER A 6   . ? 1_656 ? 
14 AC2 10 SO4 C . ? SO4 A 101 . ? 1_555 ? 
15 AC2 10 SO4 C . ? SO4 A 101 . ? 1_665 ? 
16 AC2 10 SO4 C . ? SO4 A 101 . ? 1_565 ? 
17 AC2 10 HOH E . ? HOH A 201 . ? 1_656 ? 
18 AC2 10 LYS B 1 ? LYS B 1   . ? 1_666 ? 
19 AC2 10 LYS B 1 ? LYS B 1   . ? 1_766 ? 
20 AC2 10 SER B 6 ? SER B 6   . ? 1_555 ? 
# 
loop_
_chem_comp_atom.comp_id 
_chem_comp_atom.atom_id 
_chem_comp_atom.type_symbol 
_chem_comp_atom.pdbx_aromatic_flag 
_chem_comp_atom.pdbx_stereo_config 
_chem_comp_atom.pdbx_ordinal 
ALA N    N N N 1   
ALA CA   C N S 2   
ALA C    C N N 3   
ALA O    O N N 4   
ALA CB   C N N 5   
ALA OXT  O N N 6   
ALA H    H N N 7   
ALA H2   H N N 8   
ALA HA   H N N 9   
ALA HB1  H N N 10  
ALA HB2  H N N 11  
ALA HB3  H N N 12  
ALA HXT  H N N 13  
GLY N    N N N 14  
GLY CA   C N N 15  
GLY C    C N N 16  
GLY O    O N N 17  
GLY OXT  O N N 18  
GLY H    H N N 19  
GLY H2   H N N 20  
GLY HA2  H N N 21  
GLY HA3  H N N 22  
GLY HXT  H N N 23  
GOL C1   C N N 24  
GOL O1   O N N 25  
GOL C2   C N N 26  
GOL O2   O N N 27  
GOL C3   C N N 28  
GOL O3   O N N 29  
GOL H11  H N N 30  
GOL H12  H N N 31  
GOL HO1  H N N 32  
GOL H2   H N N 33  
GOL HO2  H N N 34  
GOL H31  H N N 35  
GOL H32  H N N 36  
GOL HO3  H N N 37  
HOH O    O N N 38  
HOH H1   H N N 39  
HOH H2   H N N 40  
ILE N    N N N 41  
ILE CA   C N S 42  
ILE C    C N N 43  
ILE O    O N N 44  
ILE CB   C N S 45  
ILE CG1  C N N 46  
ILE CG2  C N N 47  
ILE CD1  C N N 48  
ILE OXT  O N N 49  
ILE H    H N N 50  
ILE H2   H N N 51  
ILE HA   H N N 52  
ILE HB   H N N 53  
ILE HG12 H N N 54  
ILE HG13 H N N 55  
ILE HG21 H N N 56  
ILE HG22 H N N 57  
ILE HG23 H N N 58  
ILE HD11 H N N 59  
ILE HD12 H N N 60  
ILE HD13 H N N 61  
ILE HXT  H N N 62  
LEU N    N N N 63  
LEU CA   C N S 64  
LEU C    C N N 65  
LEU O    O N N 66  
LEU CB   C N N 67  
LEU CG   C N N 68  
LEU CD1  C N N 69  
LEU CD2  C N N 70  
LEU OXT  O N N 71  
LEU H    H N N 72  
LEU H2   H N N 73  
LEU HA   H N N 74  
LEU HB2  H N N 75  
LEU HB3  H N N 76  
LEU HG   H N N 77  
LEU HD11 H N N 78  
LEU HD12 H N N 79  
LEU HD13 H N N 80  
LEU HD21 H N N 81  
LEU HD22 H N N 82  
LEU HD23 H N N 83  
LEU HXT  H N N 84  
LYS N    N N N 85  
LYS CA   C N S 86  
LYS C    C N N 87  
LYS O    O N N 88  
LYS CB   C N N 89  
LYS CG   C N N 90  
LYS CD   C N N 91  
LYS CE   C N N 92  
LYS NZ   N N N 93  
LYS OXT  O N N 94  
LYS H    H N N 95  
LYS H2   H N N 96  
LYS HA   H N N 97  
LYS HB2  H N N 98  
LYS HB3  H N N 99  
LYS HG2  H N N 100 
LYS HG3  H N N 101 
LYS HD2  H N N 102 
LYS HD3  H N N 103 
LYS HE2  H N N 104 
LYS HE3  H N N 105 
LYS HZ1  H N N 106 
LYS HZ2  H N N 107 
LYS HZ3  H N N 108 
LYS HXT  H N N 109 
SER N    N N N 110 
SER CA   C N S 111 
SER C    C N N 112 
SER O    O N N 113 
SER CB   C N N 114 
SER OG   O N N 115 
SER OXT  O N N 116 
SER H    H N N 117 
SER H2   H N N 118 
SER HA   H N N 119 
SER HB2  H N N 120 
SER HB3  H N N 121 
SER HG   H N N 122 
SER HXT  H N N 123 
SO4 S    S N N 124 
SO4 O1   O N N 125 
SO4 O2   O N N 126 
SO4 O3   O N N 127 
SO4 O4   O N N 128 
# 
loop_
_chem_comp_bond.comp_id 
_chem_comp_bond.atom_id_1 
_chem_comp_bond.atom_id_2 
_chem_comp_bond.value_order 
_chem_comp_bond.pdbx_aromatic_flag 
_chem_comp_bond.pdbx_stereo_config 
_chem_comp_bond.pdbx_ordinal 
ALA N   CA   sing N N 1   
ALA N   H    sing N N 2   
ALA N   H2   sing N N 3   
ALA CA  C    sing N N 4   
ALA CA  CB   sing N N 5   
ALA CA  HA   sing N N 6   
ALA C   O    doub N N 7   
ALA C   OXT  sing N N 8   
ALA CB  HB1  sing N N 9   
ALA CB  HB2  sing N N 10  
ALA CB  HB3  sing N N 11  
ALA OXT HXT  sing N N 12  
GLY N   CA   sing N N 13  
GLY N   H    sing N N 14  
GLY N   H2   sing N N 15  
GLY CA  C    sing N N 16  
GLY CA  HA2  sing N N 17  
GLY CA  HA3  sing N N 18  
GLY C   O    doub N N 19  
GLY C   OXT  sing N N 20  
GLY OXT HXT  sing N N 21  
GOL C1  O1   sing N N 22  
GOL C1  C2   sing N N 23  
GOL C1  H11  sing N N 24  
GOL C1  H12  sing N N 25  
GOL O1  HO1  sing N N 26  
GOL C2  O2   sing N N 27  
GOL C2  C3   sing N N 28  
GOL C2  H2   sing N N 29  
GOL O2  HO2  sing N N 30  
GOL C3  O3   sing N N 31  
GOL C3  H31  sing N N 32  
GOL C3  H32  sing N N 33  
GOL O3  HO3  sing N N 34  
HOH O   H1   sing N N 35  
HOH O   H2   sing N N 36  
ILE N   CA   sing N N 37  
ILE N   H    sing N N 38  
ILE N   H2   sing N N 39  
ILE CA  C    sing N N 40  
ILE CA  CB   sing N N 41  
ILE CA  HA   sing N N 42  
ILE C   O    doub N N 43  
ILE C   OXT  sing N N 44  
ILE CB  CG1  sing N N 45  
ILE CB  CG2  sing N N 46  
ILE CB  HB   sing N N 47  
ILE CG1 CD1  sing N N 48  
ILE CG1 HG12 sing N N 49  
ILE CG1 HG13 sing N N 50  
ILE CG2 HG21 sing N N 51  
ILE CG2 HG22 sing N N 52  
ILE CG2 HG23 sing N N 53  
ILE CD1 HD11 sing N N 54  
ILE CD1 HD12 sing N N 55  
ILE CD1 HD13 sing N N 56  
ILE OXT HXT  sing N N 57  
LEU N   CA   sing N N 58  
LEU N   H    sing N N 59  
LEU N   H2   sing N N 60  
LEU CA  C    sing N N 61  
LEU CA  CB   sing N N 62  
LEU CA  HA   sing N N 63  
LEU C   O    doub N N 64  
LEU C   OXT  sing N N 65  
LEU CB  CG   sing N N 66  
LEU CB  HB2  sing N N 67  
LEU CB  HB3  sing N N 68  
LEU CG  CD1  sing N N 69  
LEU CG  CD2  sing N N 70  
LEU CG  HG   sing N N 71  
LEU CD1 HD11 sing N N 72  
LEU CD1 HD12 sing N N 73  
LEU CD1 HD13 sing N N 74  
LEU CD2 HD21 sing N N 75  
LEU CD2 HD22 sing N N 76  
LEU CD2 HD23 sing N N 77  
LEU OXT HXT  sing N N 78  
LYS N   CA   sing N N 79  
LYS N   H    sing N N 80  
LYS N   H2   sing N N 81  
LYS CA  C    sing N N 82  
LYS CA  CB   sing N N 83  
LYS CA  HA   sing N N 84  
LYS C   O    doub N N 85  
LYS C   OXT  sing N N 86  
LYS CB  CG   sing N N 87  
LYS CB  HB2  sing N N 88  
LYS CB  HB3  sing N N 89  
LYS CG  CD   sing N N 90  
LYS CG  HG2  sing N N 91  
LYS CG  HG3  sing N N 92  
LYS CD  CE   sing N N 93  
LYS CD  HD2  sing N N 94  
LYS CD  HD3  sing N N 95  
LYS CE  NZ   sing N N 96  
LYS CE  HE2  sing N N 97  
LYS CE  HE3  sing N N 98  
LYS NZ  HZ1  sing N N 99  
LYS NZ  HZ2  sing N N 100 
LYS NZ  HZ3  sing N N 101 
LYS OXT HXT  sing N N 102 
SER N   CA   sing N N 103 
SER N   H    sing N N 104 
SER N   H2   sing N N 105 
SER CA  C    sing N N 106 
SER CA  CB   sing N N 107 
SER CA  HA   sing N N 108 
SER C   O    doub N N 109 
SER C   OXT  sing N N 110 
SER CB  OG   sing N N 111 
SER CB  HB2  sing N N 112 
SER CB  HB3  sing N N 113 
SER OG  HG   sing N N 114 
SER OXT HXT  sing N N 115 
SO4 S   O1   doub N N 116 
SO4 S   O2   doub N N 117 
SO4 S   O3   sing N N 118 
SO4 S   O4   sing N N 119 
# 
_pdbx_audit_support.funding_organization   'Seventh Framework Programme for Research' 
_pdbx_audit_support.country                'United States' 
_pdbx_audit_support.grant_number           298559 
_pdbx_audit_support.ordinal                1 
# 
_atom_sites.entry_id                    6C3G 
_atom_sites.fract_transf_matrix[1][1]   -0.08181332 
_atom_sites.fract_transf_matrix[1][2]   0.08483558 
_atom_sites.fract_transf_matrix[1][3]   0.06347481 
_atom_sites.fract_transf_matrix[2][1]   -0.06772626 
_atom_sites.fract_transf_matrix[2][2]   0.05464269 
_atom_sites.fract_transf_matrix[2][3]   -0.07356417 
_atom_sites.fract_transf_matrix[3][1]   -0.03246557 
_atom_sites.fract_transf_matrix[3][2]   -0.02287959 
_atom_sites.fract_transf_matrix[3][3]   0.00241555 
_atom_sites.fract_transf_vector[1]      -0.153022 
_atom_sites.fract_transf_vector[2]      -0.639719 
_atom_sites.fract_transf_vector[3]      -0.081595 
# 
loop_
_atom_type.symbol 
C 
N 
O 
S 
# 
loop_
_atom_site.group_PDB 
_atom_site.id 
_atom_site.type_symbol 
_atom_site.label_atom_id 
_atom_site.label_alt_id 
_atom_site.label_comp_id 
_atom_site.label_asym_id 
_atom_site.label_entity_id 
_atom_site.label_seq_id 
_atom_site.pdbx_PDB_ins_code 
_atom_site.Cartn_x 
_atom_site.Cartn_y 
_atom_site.Cartn_z 
_atom_site.occupancy 
_atom_site.B_iso_or_equiv 
_atom_site.pdbx_formal_charge 
_atom_site.auth_seq_id 
_atom_site.auth_comp_id 
_atom_site.auth_asym_id 
_atom_site.auth_atom_id 
_atom_site.pdbx_PDB_model_num 
ATOM   1  N N   . LYS A 1 1 ? -8.621  -6.871 -1.074 1.00 20.28 ? 1   LYS A N   1 
ATOM   2  C CA  . LYS A 1 1 ? -7.636  -6.023 -0.415 1.00 17.04 ? 1   LYS A CA  1 
ATOM   3  C C   . LYS A 1 1 ? -7.102  -4.940 -1.360 1.00 12.73 ? 1   LYS A C   1 
ATOM   4  O O   . LYS A 1 1 ? -6.907  -5.180 -2.559 1.00 13.19 ? 1   LYS A O   1 
ATOM   5  C CB  . LYS A 1 1 ? -6.475  -6.864 0.131  1.00 14.97 ? 1   LYS A CB  1 
ATOM   6  C CG  . LYS A 1 1 ? -6.823  -7.866 1.245  1.00 11.82 ? 1   LYS A CG  1 
ATOM   7  C CD  . LYS A 1 1 ? -5.612  -8.768 1.503  1.00 19.94 ? 1   LYS A CD  1 
ATOM   8  C CE  . LYS A 1 1 ? -5.682  -9.489 2.840  1.00 20.47 ? 1   LYS A CE  1 
ATOM   9  N NZ  . LYS A 1 1 ? -5.520  -8.544 3.985  1.00 23.24 ? 1   LYS A NZ  1 
ATOM   10 N N   . ALA A 1 2 ? -6.880  -3.750 -0.807 1.00 10.39 ? 2   ALA A N   1 
ATOM   11 C CA  . ALA A 1 2 ? -6.347  -2.620 -1.557 1.00 7.62  ? 2   ALA A CA  1 
ATOM   12 C C   . ALA A 1 2 ? -4.831  -2.528 -1.375 1.00 8.63  ? 2   ALA A C   1 
ATOM   13 O O   . ALA A 1 2 ? -4.279  -3.048 -0.393 1.00 8.14  ? 2   ALA A O   1 
ATOM   14 C CB  . ALA A 1 2 ? -7.011  -1.332 -1.091 1.00 9.25  ? 2   ALA A CB  1 
ATOM   15 N N   . LEU A 1 3 ? -4.168  -1.869 -2.321 1.00 5.84  ? 3   LEU A N   1 
ATOM   16 C CA  . LEU A 1 3 ? -2.718  -1.733 -2.321 1.00 9.09  ? 3   LEU A CA  1 
ATOM   17 C C   . LEU A 1 3 ? -2.317  -0.285 -2.542 1.00 8.63  ? 3   LEU A C   1 
ATOM   18 O O   . LEU A 1 3 ? -2.797  0.364  -3.481 1.00 8.27  ? 3   LEU A O   1 
ATOM   19 C CB  . LEU A 1 3 ? -2.102  -2.578 -3.449 1.00 8.40  ? 3   LEU A CB  1 
ATOM   20 C CG  . LEU A 1 3 ? -0.635  -2.237 -3.729 1.00 10.29 ? 3   LEU A CG  1 
ATOM   21 C CD1 . LEU A 1 3 ? 0.211   -2.633 -2.527 1.00 10.81 ? 3   LEU A CD1 1 
ATOM   22 C CD2 . LEU A 1 3 ? -0.114  -2.903 -4.996 1.00 13.06 ? 3   LEU A CD2 1 
ATOM   23 N N   . GLY A 1 4 ? -1.405  0.217  -1.717 1.00 7.36  ? 4   GLY A N   1 
ATOM   24 C CA  . GLY A 1 4 ? -0.860  1.536  -1.954 1.00 7.85  ? 4   GLY A CA  1 
ATOM   25 C C   . GLY A 1 4 ? 0.640   1.590  -1.763 1.00 8.48  ? 4   GLY A C   1 
ATOM   26 O O   . GLY A 1 4 ? 1.190   0.993  -0.831 1.00 7.47  ? 4   GLY A O   1 
ATOM   27 N N   . ILE A 1 5 ? 1.293   2.326  -2.648 1.00 7.29  ? 5   ILE A N   1 
ATOM   28 C CA  . ILE A 1 5 ? 2.734   2.544  -2.603 1.00 9.44  ? 5   ILE A CA  1 
ATOM   29 C C   . ILE A 1 5 ? 2.956   4.033  -2.811 1.00 9.66  ? 5   ILE A C   1 
ATOM   30 O O   . ILE A 1 5 ? 2.477   4.616  -3.785 1.00 10.17 ? 5   ILE A O   1 
ATOM   31 C CB  . ILE A 1 5 ? 3.465   1.755  -3.721 1.00 8.80  ? 5   ILE A CB  1 
ATOM   32 C CG1 . ILE A 1 5 ? 3.262   0.249  -3.544 1.00 8.87  ? 5   ILE A CG1 1 
ATOM   33 C CG2 . ILE A 1 5 ? 4.967   2.063  -3.722 1.00 10.05 ? 5   ILE A CG2 1 
ATOM   34 C CD1 . ILE A 1 5 ? 3.715   -0.560 -4.756 1.00 8.71  ? 5   ILE A CD1 1 
ATOM   35 N N   . SER A 1 6 ? 3.677   4.653  -1.885 1.00 10.59 ? 6   SER A N   1 
ATOM   36 C CA  . SER A 1 6 ? 3.947   6.085  -1.954 1.00 13.73 ? 6   SER A CA  1 
ATOM   37 C C   . SER A 1 6 ? 4.885   6.416  -3.105 1.00 25.79 ? 6   SER A C   1 
ATOM   38 O O   . SER A 1 6 ? 5.494   5.524  -3.712 1.00 25.59 ? 6   SER A O   1 
ATOM   39 C CB  . SER A 1 6 ? 4.589   6.547  -0.653 1.00 21.17 ? 6   SER A CB  1 
ATOM   40 O OG  . SER A 1 6 ? 5.869   5.949  -0.498 1.00 16.65 ? 6   SER A OG  1 
ATOM   41 O OXT . SER A 1 6 ? 5.064   7.591  -3.439 1.00 27.36 ? 6   SER A OXT 1 
ATOM   42 N N   . LYS B 1 1 ? 10.093  4.173  -0.224 1.00 24.52 ? 1   LYS B N   1 
ATOM   43 C CA  . LYS B 1 1 ? 8.641   4.191  -0.367 1.00 20.45 ? 1   LYS B CA  1 
ATOM   44 C C   . LYS B 1 1 ? 7.936   3.486  0.788  1.00 16.45 ? 1   LYS B C   1 
ATOM   45 O O   . LYS B 1 1 ? 8.438   2.514  1.363  1.00 13.66 ? 1   LYS B O   1 
ATOM   46 C CB  . LYS B 1 1 ? 8.218   3.560  -1.702 1.00 20.80 ? 1   LYS B CB  1 
ATOM   47 C CG  . LYS B 1 1 ? 8.593   4.390  -2.923 1.00 21.08 ? 1   LYS B CG  1 
ATOM   48 C CD  . LYS B 1 1 ? 9.143   3.495  -4.013 1.00 27.82 ? 1   LYS B CD  1 
ATOM   49 C CE  . LYS B 1 1 ? 9.945   4.288  -5.036 1.00 26.96 ? 1   LYS B CE  1 
ATOM   50 N NZ  . LYS B 1 1 ? 10.575  3.395  -6.068 1.00 27.70 ? 1   LYS B NZ  1 
ATOM   51 N N   . ALA B 1 2 ? 6.761   3.991  1.127  1.00 11.76 ? 2   ALA B N   1 
ATOM   52 C CA  . ALA B 1 2 ? 5.918   3.321  2.087  1.00 13.31 ? 2   ALA B CA  1 
ATOM   53 C C   . ALA B 1 2 ? 4.969   2.442  1.288  1.00 10.24 ? 2   ALA B C   1 
ATOM   54 O O   . ALA B 1 2 ? 4.673   2.732  0.121  1.00 8.15  ? 2   ALA B O   1 
ATOM   55 C CB  . ALA B 1 2 ? 5.150   4.332  2.911  1.00 11.54 ? 2   ALA B CB  1 
ATOM   56 N N   . LEU B 1 3 ? 4.501   1.366  1.908  1.00 7.82  ? 3   LEU B N   1 
ATOM   57 C CA  . LEU B 1 3 ? 3.610   0.433  1.233  1.00 7.31  ? 3   LEU B CA  1 
ATOM   58 C C   . LEU B 1 3 ? 2.584   -0.122 2.205  1.00 7.06  ? 3   LEU B C   1 
ATOM   59 O O   . LEU B 1 3 ? 2.927   -0.532 3.321  1.00 8.25  ? 3   LEU B O   1 
ATOM   60 C CB  . LEU B 1 3 ? 4.411   -0.707 0.579  1.00 7.02  ? 3   LEU B CB  1 
ATOM   61 C CG  . LEU B 1 3 ? 3.652   -1.810 -0.168 1.00 6.55  ? 3   LEU B CG  1 
ATOM   62 C CD1 . LEU B 1 3 ? 4.537   -2.370 -1.274 1.00 11.85 ? 3   LEU B CD1 1 
ATOM   63 C CD2 . LEU B 1 3 ? 3.183   -2.938 0.754  1.00 8.23  ? 3   LEU B CD2 1 
ATOM   64 N N   . GLY B 1 4 ? 1.327   -0.170 1.772  1.00 6.13  ? 4   GLY B N   1 
ATOM   65 C CA  . GLY B 1 4 ? 0.284   -0.740 2.588  1.00 7.07  ? 4   GLY B CA  1 
ATOM   66 C C   . GLY B 1 4 ? -0.605  -1.642 1.760  1.00 7.85  ? 4   GLY B C   1 
ATOM   67 O O   . GLY B 1 4 ? -0.844  -1.380 0.571  1.00 7.24  ? 4   GLY B O   1 
ATOM   68 N N   . ILE B 1 5 ? -1.068  -2.720 2.383  1.00 6.49  ? 5   ILE B N   1 
ATOM   69 C CA  . ILE B 1 5 ? -2.077  -3.584 1.799  1.00 7.23  ? 5   ILE B CA  1 
ATOM   70 C C   . ILE B 1 5 ? -3.175  -3.778 2.846  1.00 8.16  ? 5   ILE B C   1 
ATOM   71 O O   . ILE B 1 5 ? -2.904  -4.222 3.977  1.00 7.33  ? 5   ILE B O   1 
ATOM   72 C CB  . ILE B 1 5 ? -1.483  -4.951 1.395  1.00 7.24  ? 5   ILE B CB  1 
ATOM   73 C CG1 . ILE B 1 5 ? -0.366  -4.753 0.365  1.00 8.62  ? 5   ILE B CG1 1 
ATOM   74 C CG2 . ILE B 1 5 ? -2.590  -5.878 0.879  1.00 9.75  ? 5   ILE B CG2 1 
ATOM   75 C CD1 . ILE B 1 5 ? 0.322   -6.039 -0.066 1.00 11.45 ? 5   ILE B CD1 1 
ATOM   76 N N   . SER B 1 6 ? -4.415  -3.452 2.484  1.00 8.47  ? 6   SER B N   1 
ATOM   77 C CA  . SER B 1 6 ? -5.497  -3.411 3.463  1.00 11.06 ? 6   SER B CA  1 
ATOM   78 C C   . SER B 1 6 ? -5.915  -4.809 3.874  1.00 16.06 ? 6   SER B C   1 
ATOM   79 O O   . SER B 1 6 ? -5.518  -5.810 3.258  1.00 12.43 ? 6   SER B O   1 
ATOM   80 C CB  . SER B 1 6 ? -6.708  -2.637 2.924  1.00 11.00 ? 6   SER B CB  1 
ATOM   81 O OG  . SER B 1 6 ? -7.350  -3.360 1.886  1.00 13.17 ? 6   SER B OG  1 
ATOM   82 O OXT . SER B 1 6 ? -6.666  -4.945 4.848  1.00 18.02 ? 6   SER B OXT 1 
HETATM 83 S S   . SO4 C 2 . ? -8.306  -7.704 5.965  1.00 27.01 ? 101 SO4 A S   1 
HETATM 84 O O1  . SO4 C 2 . ? -8.488  -7.199 4.604  1.00 24.86 ? 101 SO4 A O1  1 
HETATM 85 O O2  . SO4 C 2 . ? -7.146  -7.066 6.584  1.00 26.28 ? 101 SO4 A O2  1 
HETATM 86 O O3  . SO4 C 2 . ? -8.101  -9.152 5.898  1.00 28.63 ? 101 SO4 A O3  1 
HETATM 87 O O4  . SO4 C 2 . ? -9.497  -7.408 6.765  1.00 28.59 ? 101 SO4 A O4  1 
HETATM 88 C C1  . GOL D 3 . ? -10.564 -5.214 3.071  1.00 22.71 ? 101 GOL B C1  1 
HETATM 89 O O1  . GOL D 3 . ? -9.897  -4.067 2.600  1.00 24.13 ? 101 GOL B O1  1 
HETATM 90 C C2  . GOL D 3 . ? -11.896 -5.284 2.347  1.00 25.52 ? 101 GOL B C2  1 
HETATM 91 O O2  . GOL D 3 . ? -11.748 -4.696 1.068  1.00 32.44 ? 101 GOL B O2  1 
HETATM 92 C C3  . GOL D 3 . ? -12.930 -4.508 3.149  1.00 28.38 ? 101 GOL B C3  1 
HETATM 93 O O3  . GOL D 3 . ? -13.988 -4.101 2.304  1.00 30.45 ? 101 GOL B O3  1 
HETATM 94 O O   . HOH E 4 . ? 5.216   9.882  -2.964 1.00 27.26 ? 201 HOH A O   1 
HETATM 95 O O   . HOH E 4 . ? -10.244 -8.057 0.671  1.00 25.98 ? 202 HOH A O   1 
# 
